data_1PKF
#
_entry.id   1PKF
#
_cell.length_a   60.430
_cell.length_b   60.430
_cell.length_c   252.770
_cell.angle_alpha   90.00
_cell.angle_beta   90.00
_cell.angle_gamma   90.00
#
_symmetry.space_group_name_H-M   'P 43 2 2'
#
loop_
_entity.id
_entity.type
_entity.pdbx_description
1 polymer 'cytochrome p450EpoK'
2 non-polymer 'PROTOPORPHYRIN IX CONTAINING FE'
3 non-polymer 'EPOTHILONE D'
4 water water
#
_entity_poly.entity_id   1
_entity_poly.type   'polypeptide(L)'
_entity_poly.pdbx_seq_one_letter_code
;MTQEQANQSETKPAFDFKPFAPGYAEDPFPAIERLREATPIFYWDEGRSWVLTRYHDVSAVFRDERFAVSREEWESSAEY
SSAIPELSDMKKYGLFGLPPEDHARVRKLVNPSFTSRAIDLLRAEIQRTVDQLLDARSGQEEFDVVRDYAEGIPMRAISA
LLKVPAECDEKFRRFGSATARALGVGLVPRVDEETKTLVASVTEGLALLHGVLDERRRNPLENDVLTMLLQAEADGSRLS
TKELVALVGAIIAAGTDTTIYLIAFAVLNLLRSPEALELVKAEPGLMRNALDEVLRFENILRIGTVRFARQDLEYCGASI
KKGEMVFLLIPSALRDGTVFSRPDVFDVRRDTSASLAYGRGPHVCPGVSLARLEAEIAVGTIFRRFPEMKLKETPVFGYH
PAFRNIESLNVILKPSKAG
;
_entity_poly.pdbx_strand_id   A
#
# COMPACT_ATOMS: atom_id res chain seq x y z
N ALA A 14 -18.08 8.19 -20.27
CA ALA A 14 -16.76 8.83 -19.99
C ALA A 14 -16.86 10.03 -19.03
N PHE A 15 -18.00 10.12 -18.34
CA PHE A 15 -18.47 11.33 -17.62
C PHE A 15 -17.46 12.04 -16.62
N ASP A 16 -17.85 12.08 -15.34
CA ASP A 16 -17.26 12.96 -14.29
C ASP A 16 -16.31 12.20 -13.35
N PHE A 17 -14.99 12.37 -13.52
CA PHE A 17 -13.99 11.76 -12.60
C PHE A 17 -13.20 12.83 -11.81
N LYS A 18 -13.53 12.92 -10.55
CA LYS A 18 -12.98 13.88 -9.63
C LYS A 18 -12.58 13.20 -8.31
N PRO A 19 -11.47 12.48 -8.34
CA PRO A 19 -11.02 11.69 -7.17
C PRO A 19 -10.47 12.51 -6.01
N PHE A 20 -10.36 13.83 -6.15
CA PHE A 20 -9.96 14.71 -5.07
C PHE A 20 -11.09 15.59 -4.57
N ALA A 21 -12.28 15.41 -5.13
CA ALA A 21 -13.46 16.07 -4.61
C ALA A 21 -13.67 15.66 -3.15
N PRO A 22 -14.07 16.61 -2.30
CA PRO A 22 -14.51 16.26 -0.96
C PRO A 22 -15.62 15.22 -1.01
N GLY A 23 -15.55 14.24 -0.10
CA GLY A 23 -16.49 13.13 -0.08
C GLY A 23 -16.08 11.86 -0.82
N TYR A 24 -15.18 12.01 -1.79
CA TYR A 24 -14.79 10.90 -2.64
C TYR A 24 -14.08 9.80 -1.85
N ALA A 25 -13.17 10.19 -0.97
CA ALA A 25 -12.36 9.19 -0.26
C ALA A 25 -13.21 8.42 0.70
N GLU A 26 -14.13 9.15 1.34
CA GLU A 26 -15.14 8.56 2.21
C GLU A 26 -15.97 7.50 1.52
N ASP A 27 -16.39 7.80 0.29
CA ASP A 27 -17.28 6.93 -0.46
C ASP A 27 -17.22 7.19 -1.97
N PRO A 28 -16.23 6.60 -2.64
CA PRO A 28 -16.02 6.84 -4.07
C PRO A 28 -16.90 5.98 -4.96
N PHE A 29 -17.63 5.04 -4.37
CA PHE A 29 -18.25 3.98 -5.17
C PHE A 29 -19.39 4.41 -6.11
N PRO A 30 -20.34 5.22 -5.67
CA PRO A 30 -21.34 5.77 -6.60
C PRO A 30 -20.71 6.44 -7.83
N ALA A 31 -19.77 7.36 -7.62
CA ALA A 31 -19.05 8.00 -8.75
C ALA A 31 -18.38 7.04 -9.75
N ILE A 32 -17.63 6.07 -9.25
CA ILE A 32 -16.90 5.20 -10.16
C ILE A 32 -17.79 4.07 -10.73
N GLU A 33 -18.92 3.77 -10.10
CA GLU A 33 -19.87 2.83 -10.71
C GLU A 33 -20.46 3.50 -11.96
N ARG A 34 -20.81 4.77 -11.80
CA ARG A 34 -21.27 5.59 -12.93
C ARG A 34 -20.28 5.49 -14.07
N LEU A 35 -18.99 5.63 -13.75
CA LEU A 35 -17.97 5.60 -14.77
C LEU A 35 -17.86 4.19 -15.34
N ARG A 36 -17.79 3.21 -14.45
CA ARG A 36 -17.56 1.84 -14.87
C ARG A 36 -18.71 1.34 -15.75
N GLU A 37 -19.95 1.55 -15.30
CA GLU A 37 -21.15 1.23 -16.12
C GLU A 37 -21.23 1.95 -17.50
N ALA A 38 -20.76 3.18 -17.59
CA ALA A 38 -20.83 3.93 -18.85
C ALA A 38 -19.69 3.60 -19.82
N THR A 39 -18.54 3.19 -19.32
CA THR A 39 -17.37 2.97 -20.20
C THR A 39 -16.24 2.14 -19.54
N PRO A 40 -15.52 1.39 -20.36
CA PRO A 40 -14.34 0.66 -19.91
C PRO A 40 -13.08 1.53 -19.90
N ILE A 41 -13.11 2.69 -20.53
CA ILE A 41 -11.93 3.54 -20.61
C ILE A 41 -12.24 5.02 -20.91
N PHE A 42 -11.51 5.92 -20.25
CA PHE A 42 -11.71 7.35 -20.45
C PHE A 42 -10.40 8.07 -20.18
N TYR A 43 -10.34 9.33 -20.61
CA TYR A 43 -9.13 10.10 -20.45
C TYR A 43 -9.37 11.05 -19.30
N TRP A 44 -8.50 10.97 -18.31
CA TRP A 44 -8.59 11.82 -17.13
C TRP A 44 -7.69 13.03 -17.39
N ASP A 45 -8.30 14.17 -17.72
CA ASP A 45 -7.56 15.36 -18.14
C ASP A 45 -6.57 15.81 -17.07
N GLU A 46 -7.00 15.99 -15.83
CA GLU A 46 -6.04 16.41 -14.79
C GLU A 46 -4.94 15.36 -14.51
N GLY A 47 -5.23 14.08 -14.72
CA GLY A 47 -4.25 13.04 -14.44
C GLY A 47 -3.37 12.77 -15.63
N ARG A 48 -3.74 13.35 -16.77
CA ARG A 48 -3.00 13.15 -18.02
C ARG A 48 -2.80 11.68 -18.32
N SER A 49 -3.88 10.95 -18.24
CA SER A 49 -3.76 9.54 -18.48
C SER A 49 -5.10 8.89 -18.68
N TRP A 50 -5.05 7.74 -19.33
CA TRP A 50 -6.22 6.91 -19.56
C TRP A 50 -6.52 6.21 -18.26
N VAL A 51 -7.80 5.97 -18.00
CA VAL A 51 -8.27 5.26 -16.81
C VAL A 51 -9.13 4.04 -17.26
N LEU A 52 -8.77 2.85 -16.79
CA LEU A 52 -9.52 1.62 -17.07
C LEU A 52 -10.36 1.24 -15.89
N THR A 53 -11.63 0.98 -16.17
CA THR A 53 -12.66 0.85 -15.14
C THR A 53 -13.12 -0.56 -14.81
N ARG A 54 -12.78 -1.56 -15.63
CA ARG A 54 -13.41 -2.89 -15.50
C ARG A 54 -12.44 -3.99 -15.11
N TYR A 55 -12.90 -4.98 -14.36
CA TYR A 55 -12.01 -6.06 -13.87
C TYR A 55 -11.11 -6.63 -14.93
N HIS A 56 -11.71 -7.12 -16.03
CA HIS A 56 -10.90 -7.93 -16.95
C HIS A 56 -9.88 -7.12 -17.64
N ASP A 57 -10.22 -5.85 -17.91
CA ASP A 57 -9.28 -4.98 -18.55
C ASP A 57 -8.17 -4.64 -17.57
N VAL A 58 -8.51 -4.36 -16.33
CA VAL A 58 -7.49 -4.08 -15.32
C VAL A 58 -6.58 -5.29 -15.11
N SER A 59 -7.17 -6.46 -14.93
CA SER A 59 -6.40 -7.69 -14.75
C SER A 59 -5.39 -7.93 -15.84
N ALA A 60 -5.82 -7.73 -17.09
CA ALA A 60 -5.00 -8.10 -18.23
C ALA A 60 -3.80 -7.21 -18.37
N VAL A 61 -3.99 -5.92 -18.08
CA VAL A 61 -2.95 -4.92 -18.30
C VAL A 61 -1.77 -5.17 -17.34
N PHE A 62 -2.10 -5.68 -16.15
CA PHE A 62 -1.10 -6.13 -15.18
C PHE A 62 -0.12 -7.13 -15.82
N ARG A 63 -0.65 -8.09 -16.58
CA ARG A 63 0.19 -9.12 -17.19
C ARG A 63 0.65 -8.79 -18.63
N ASP A 64 0.04 -7.77 -19.22
CA ASP A 64 0.27 -7.41 -20.62
C ASP A 64 1.58 -6.64 -20.81
N GLU A 65 2.55 -7.21 -21.54
CA GLU A 65 3.90 -6.65 -21.60
C GLU A 65 4.04 -5.46 -22.57
N ARG A 66 3.00 -5.16 -23.34
CA ARG A 66 2.95 -3.90 -24.07
C ARG A 66 2.88 -2.67 -23.13
N PHE A 67 2.70 -2.89 -21.83
CA PHE A 67 2.54 -1.81 -20.84
C PHE A 67 3.65 -1.90 -19.82
N ALA A 68 4.45 -0.85 -19.69
CA ALA A 68 5.56 -0.89 -18.77
C ALA A 68 5.21 -0.25 -17.42
N VAL A 69 6.04 -0.61 -16.44
CA VAL A 69 6.00 -0.04 -15.10
C VAL A 69 6.95 1.14 -14.99
N SER A 70 8.11 1.03 -15.65
CA SER A 70 9.15 2.02 -15.50
C SER A 70 8.63 3.38 -15.91
N ARG A 71 8.78 4.35 -15.02
CA ARG A 71 8.33 5.70 -15.29
C ARG A 71 9.18 6.30 -16.38
N GLU A 72 10.30 5.65 -16.72
CA GLU A 72 11.17 6.12 -17.77
C GLU A 72 10.52 5.91 -19.15
N GLU A 73 9.53 5.03 -19.24
CA GLU A 73 8.74 4.86 -20.48
C GLU A 73 7.72 5.97 -20.71
N TRP A 74 7.47 6.82 -19.71
CA TRP A 74 6.44 7.87 -19.78
C TRP A 74 6.85 9.03 -20.71
N GLU A 75 5.89 9.59 -21.43
CA GLU A 75 6.16 10.75 -22.29
C GLU A 75 6.65 11.95 -21.47
N SER A 76 6.42 11.92 -20.15
CA SER A 76 6.81 13.00 -19.25
C SER A 76 7.93 12.55 -18.33
N SER A 77 8.66 11.53 -18.76
CA SER A 77 9.81 11.03 -18.01
C SER A 77 10.79 12.13 -17.55
N ALA A 78 11.14 13.09 -18.42
CA ALA A 78 12.15 14.09 -18.08
C ALA A 78 11.75 14.92 -16.87
N GLU A 79 10.55 15.46 -16.93
CA GLU A 79 9.91 16.18 -15.85
C GLU A 79 9.86 15.32 -14.55
N TYR A 80 9.46 14.05 -14.65
CA TYR A 80 9.37 13.20 -13.45
C TYR A 80 10.73 12.95 -12.81
N SER A 81 11.74 12.65 -13.61
CA SER A 81 13.09 12.40 -13.09
C SER A 81 13.78 13.61 -12.47
N SER A 82 13.43 14.81 -12.91
CA SER A 82 14.01 16.03 -12.32
C SER A 82 13.38 16.39 -10.98
N ALA A 83 12.12 15.99 -10.79
CA ALA A 83 11.42 16.31 -9.57
C ALA A 83 12.02 15.50 -8.41
N ILE A 84 12.15 16.09 -7.24
CA ILE A 84 12.76 15.44 -6.08
C ILE A 84 14.02 14.68 -6.45
N PRO A 85 15.10 15.37 -6.82
CA PRO A 85 16.34 14.68 -7.21
C PRO A 85 16.92 13.83 -6.11
N GLU A 86 16.59 14.08 -4.86
CA GLU A 86 16.99 13.21 -3.75
C GLU A 86 16.53 11.77 -3.99
N LEU A 87 15.47 11.62 -4.78
CA LEU A 87 14.90 10.31 -5.03
C LEU A 87 15.24 9.74 -6.40
N SER A 88 16.19 10.35 -7.10
CA SER A 88 16.49 9.90 -8.46
C SER A 88 16.99 8.45 -8.52
N ASP A 89 17.89 8.11 -7.60
CA ASP A 89 18.38 6.75 -7.47
C ASP A 89 17.22 5.76 -7.27
N MET A 90 16.34 6.08 -6.33
CA MET A 90 15.20 5.23 -6.02
C MET A 90 14.30 5.00 -7.23
N LYS A 91 14.20 6.02 -8.10
CA LYS A 91 13.36 5.95 -9.29
C LYS A 91 14.02 5.14 -10.39
N LYS A 92 15.35 5.18 -10.47
CA LYS A 92 16.04 4.54 -11.56
C LYS A 92 16.30 3.07 -11.22
N TYR A 93 16.73 2.83 -10.00
CA TYR A 93 17.14 1.49 -9.53
C TYR A 93 16.17 0.78 -8.58
N GLY A 94 15.03 1.37 -8.31
CA GLY A 94 14.02 0.77 -7.45
C GLY A 94 13.17 -0.18 -8.25
N LEU A 95 12.19 -0.85 -7.64
CA LEU A 95 11.49 -1.92 -8.32
C LEU A 95 10.62 -1.42 -9.47
N PHE A 96 10.20 -0.16 -9.42
CA PHE A 96 9.38 0.36 -10.53
C PHE A 96 10.24 0.76 -11.74
N GLY A 97 11.48 1.16 -11.53
CA GLY A 97 12.29 1.72 -12.59
C GLY A 97 13.16 0.72 -13.33
N LEU A 98 13.58 -0.33 -12.65
CA LEU A 98 14.43 -1.35 -13.25
C LEU A 98 13.81 -2.00 -14.49
N PRO A 99 14.62 -2.32 -15.49
CA PRO A 99 14.12 -3.07 -16.65
C PRO A 99 13.76 -4.48 -16.20
N PRO A 100 12.86 -5.15 -16.92
CA PRO A 100 12.22 -6.39 -16.43
C PRO A 100 13.20 -7.47 -15.97
N GLU A 101 14.34 -7.59 -16.63
CA GLU A 101 15.27 -8.67 -16.32
C GLU A 101 16.03 -8.35 -15.05
N ASP A 102 16.32 -7.07 -14.83
CA ASP A 102 16.88 -6.61 -13.56
C ASP A 102 15.83 -6.72 -12.44
N HIS A 103 14.57 -6.42 -12.78
CA HIS A 103 13.52 -6.48 -11.80
C HIS A 103 13.31 -7.91 -11.31
N ALA A 104 13.32 -8.88 -12.24
CA ALA A 104 13.16 -10.29 -11.90
C ALA A 104 14.25 -10.77 -10.97
N ARG A 105 15.48 -10.36 -11.26
CA ARG A 105 16.66 -10.67 -10.48
C ARG A 105 16.50 -10.18 -9.05
N VAL A 106 16.21 -8.89 -8.91
CA VAL A 106 16.04 -8.35 -7.56
C VAL A 106 14.92 -9.07 -6.81
N ARG A 107 13.78 -9.27 -7.46
CA ARG A 107 12.67 -10.01 -6.83
C ARG A 107 13.04 -11.44 -6.43
N LYS A 108 13.73 -12.15 -7.31
CA LYS A 108 14.09 -13.55 -7.01
C LYS A 108 14.87 -13.58 -5.67
N LEU A 109 15.73 -12.59 -5.49
CA LEU A 109 16.59 -12.46 -4.33
C LEU A 109 15.85 -12.23 -3.01
N VAL A 110 14.92 -11.28 -3.01
CA VAL A 110 14.25 -10.85 -1.78
C VAL A 110 12.95 -11.59 -1.48
N ASN A 111 12.30 -12.13 -2.49
CA ASN A 111 11.02 -12.82 -2.29
C ASN A 111 11.04 -13.89 -1.18
N PRO A 112 12.07 -14.74 -1.12
CA PRO A 112 12.16 -15.73 -0.04
C PRO A 112 12.06 -15.13 1.36
N SER A 113 12.53 -13.90 1.56
CA SER A 113 12.43 -13.28 2.88
C SER A 113 11.02 -12.80 3.23
N PHE A 114 10.11 -12.81 2.27
CA PHE A 114 8.78 -12.30 2.54
C PHE A 114 7.65 -13.36 2.54
N THR A 115 7.97 -14.65 2.52
CA THR A 115 6.90 -15.65 2.53
C THR A 115 6.25 -15.68 3.88
N SER A 116 5.06 -16.30 3.95
CA SER A 116 4.36 -16.47 5.21
C SER A 116 5.22 -17.10 6.32
N ARG A 117 6.01 -18.09 5.92
CA ARG A 117 6.87 -18.82 6.86
C ARG A 117 8.00 -17.95 7.42
N ALA A 118 8.71 -17.26 6.53
CA ALA A 118 9.73 -16.30 6.96
C ALA A 118 9.14 -15.20 7.84
N ILE A 119 8.01 -14.62 7.50
CA ILE A 119 7.56 -13.47 8.30
C ILE A 119 6.93 -13.90 9.63
N ASP A 120 6.61 -15.19 9.77
CA ASP A 120 6.05 -15.73 11.00
C ASP A 120 6.88 -15.45 12.24
N LEU A 121 8.18 -15.31 12.07
CA LEU A 121 9.08 -14.97 13.17
C LEU A 121 8.70 -13.63 13.81
N LEU A 122 7.99 -12.77 13.08
CA LEU A 122 7.71 -11.42 13.52
C LEU A 122 6.53 -11.40 14.44
N ARG A 123 5.84 -12.54 14.55
CA ARG A 123 4.58 -12.61 15.27
C ARG A 123 4.63 -12.07 16.72
N ALA A 124 5.68 -12.41 17.47
CA ALA A 124 5.72 -12.00 18.90
C ALA A 124 5.95 -10.50 19.01
N GLU A 125 6.84 -9.96 18.21
CA GLU A 125 7.13 -8.52 18.30
C GLU A 125 5.89 -7.72 17.90
N ILE A 126 5.19 -8.16 16.85
CA ILE A 126 3.98 -7.45 16.45
C ILE A 126 2.95 -7.46 17.57
N GLN A 127 2.81 -8.61 18.24
CA GLN A 127 1.81 -8.74 19.31
C GLN A 127 2.18 -7.86 20.49
N ARG A 128 3.46 -7.85 20.82
CA ARG A 128 4.00 -6.97 21.85
C ARG A 128 3.68 -5.50 21.54
N THR A 129 3.90 -5.08 20.30
CA THR A 129 3.65 -3.67 19.93
C THR A 129 2.17 -3.34 20.08
N VAL A 130 1.32 -4.22 19.57
CA VAL A 130 -0.12 -4.12 19.68
C VAL A 130 -0.54 -4.07 21.13
N ASP A 131 0.11 -4.89 21.97
CA ASP A 131 -0.20 -4.93 23.42
C ASP A 131 0.10 -3.60 24.12
N GLN A 132 1.28 -3.05 23.90
CA GLN A 132 1.67 -1.82 24.61
C GLN A 132 0.94 -0.56 24.11
N LEU A 133 0.54 -0.55 22.83
CA LEU A 133 -0.25 0.56 22.33
C LEU A 133 -1.62 0.59 22.99
N LEU A 134 -2.19 -0.59 23.19
CA LEU A 134 -3.49 -0.67 23.84
C LEU A 134 -3.35 -0.46 25.36
N ASP A 135 -2.24 -0.89 25.94
CA ASP A 135 -2.02 -0.68 27.37
C ASP A 135 -1.94 0.82 27.65
N ALA A 136 -1.07 1.49 26.90
CA ALA A 136 -0.74 2.89 27.10
C ALA A 136 -1.86 3.92 26.84
N ARG A 137 -2.92 3.54 26.13
CA ARG A 137 -3.93 4.54 25.76
C ARG A 137 -5.38 4.11 25.87
N SER A 138 -5.64 2.84 26.21
CA SER A 138 -7.01 2.35 26.28
C SER A 138 -7.81 2.81 27.51
N GLY A 139 -7.24 3.68 28.34
CA GLY A 139 -7.88 4.07 29.59
C GLY A 139 -8.70 5.35 29.53
N GLN A 140 -8.35 6.24 28.61
CA GLN A 140 -9.06 7.52 28.45
C GLN A 140 -10.44 7.31 27.81
N GLU A 141 -11.13 8.42 27.50
CA GLU A 141 -12.46 8.36 26.89
C GLU A 141 -12.32 8.14 25.37
N GLU A 142 -11.41 8.90 24.75
CA GLU A 142 -11.18 8.82 23.32
C GLU A 142 -10.09 7.81 22.97
N PHE A 143 -10.41 6.90 22.06
CA PHE A 143 -9.38 6.08 21.43
C PHE A 143 -9.46 6.22 19.90
N ASP A 144 -8.38 6.73 19.32
CA ASP A 144 -8.28 6.93 17.87
C ASP A 144 -7.56 5.76 17.21
N VAL A 145 -8.31 4.95 16.48
CA VAL A 145 -7.77 3.72 15.90
C VAL A 145 -6.61 3.99 14.95
N VAL A 146 -6.58 5.18 14.35
CA VAL A 146 -5.45 5.55 13.54
C VAL A 146 -4.30 6.06 14.39
N ARG A 147 -4.48 7.25 14.98
CA ARG A 147 -3.41 7.93 15.74
C ARG A 147 -2.85 7.12 16.92
N ASP A 148 -3.74 6.41 17.61
CA ASP A 148 -3.38 5.69 18.82
C ASP A 148 -3.05 4.21 18.60
N TYR A 149 -3.28 3.70 17.39
CA TYR A 149 -3.12 2.28 17.15
C TYR A 149 -2.42 1.95 15.86
N ALA A 150 -3.11 2.11 14.73
CA ALA A 150 -2.61 1.61 13.46
C ALA A 150 -1.30 2.29 13.06
N GLU A 151 -1.18 3.56 13.44
CA GLU A 151 -0.02 4.35 13.05
C GLU A 151 1.26 3.84 13.65
N GLY A 152 1.16 3.30 14.86
CA GLY A 152 2.33 2.79 15.56
C GLY A 152 2.75 1.37 15.20
N ILE A 153 2.05 0.71 14.27
CA ILE A 153 2.27 -0.73 14.05
C ILE A 153 3.19 -1.10 12.90
N PRO A 154 2.88 -0.68 11.69
CA PRO A 154 3.61 -1.11 10.50
C PRO A 154 5.11 -0.85 10.48
N MET A 155 5.55 0.26 11.01
CA MET A 155 6.98 0.53 11.01
C MET A 155 7.66 -0.39 12.04
N ARG A 156 7.00 -0.64 13.15
CA ARG A 156 7.60 -1.58 14.14
C ARG A 156 7.89 -2.90 13.45
N ALA A 157 6.91 -3.38 12.68
CA ALA A 157 7.07 -4.62 11.93
C ALA A 157 8.21 -4.63 10.93
N ILE A 158 8.25 -3.64 10.05
CA ILE A 158 9.33 -3.57 9.08
C ILE A 158 10.70 -3.44 9.78
N SER A 159 10.79 -2.60 10.80
CA SER A 159 12.00 -2.46 11.58
C SER A 159 12.43 -3.73 12.31
N ALA A 160 11.50 -4.60 12.69
CA ALA A 160 11.85 -5.88 13.31
C ALA A 160 12.43 -6.76 12.25
N LEU A 161 11.78 -6.79 11.08
CA LEU A 161 12.31 -7.53 9.94
C LEU A 161 13.73 -7.07 9.53
N LEU A 162 14.03 -5.77 9.68
CA LEU A 162 15.34 -5.22 9.30
C LEU A 162 16.30 -5.14 10.51
N LYS A 163 15.80 -5.52 11.69
CA LYS A 163 16.48 -5.41 12.98
C LYS A 163 16.96 -4.01 13.27
N VAL A 164 16.02 -3.07 13.27
CA VAL A 164 16.29 -1.69 13.61
C VAL A 164 15.60 -1.43 14.94
N PRO A 165 16.30 -0.77 15.87
CA PRO A 165 15.73 -0.49 17.18
C PRO A 165 14.51 0.42 17.14
N ALA A 166 13.60 0.19 18.07
CA ALA A 166 12.33 0.91 18.11
C ALA A 166 12.53 2.42 18.24
N GLU A 167 13.70 2.85 18.72
CA GLU A 167 13.93 4.28 18.88
C GLU A 167 13.94 5.00 17.53
N CYS A 168 14.25 4.27 16.44
CA CYS A 168 14.29 4.83 15.10
C CYS A 168 12.96 4.74 14.34
N ASP A 169 11.93 4.23 15.00
CA ASP A 169 10.68 3.94 14.33
C ASP A 169 9.98 5.16 13.76
N GLU A 170 9.96 6.23 14.53
CA GLU A 170 9.27 7.46 14.15
C GLU A 170 9.99 8.15 13.00
N LYS A 171 11.32 8.06 12.96
CA LYS A 171 12.05 8.67 11.88
C LYS A 171 11.74 7.92 10.59
N PHE A 172 11.77 6.58 10.65
CA PHE A 172 11.51 5.79 9.45
C PHE A 172 10.05 5.89 8.97
N ARG A 173 9.10 6.03 9.89
CA ARG A 173 7.71 6.14 9.53
C ARG A 173 7.51 7.43 8.74
N ARG A 174 8.14 8.48 9.24
CA ARG A 174 8.11 9.79 8.61
C ARG A 174 8.71 9.68 7.27
N PHE A 175 9.83 8.99 7.18
CA PHE A 175 10.50 8.82 5.91
C PHE A 175 9.61 8.03 4.93
N GLY A 176 8.99 6.96 5.41
CA GLY A 176 8.17 6.09 4.60
C GLY A 176 6.99 6.83 3.99
N SER A 177 6.32 7.58 4.82
CA SER A 177 5.14 8.30 4.43
C SER A 177 5.52 9.47 3.48
N ALA A 178 6.63 10.16 3.78
CA ALA A 178 7.09 11.26 2.95
C ALA A 178 7.49 10.79 1.61
N THR A 179 8.22 9.70 1.57
CA THR A 179 8.70 9.13 0.34
C THR A 179 7.54 8.71 -0.56
N ALA A 180 6.55 8.04 0.01
CA ALA A 180 5.41 7.61 -0.79
C ALA A 180 4.79 8.85 -1.45
N ARG A 181 4.62 9.96 -0.72
CA ARG A 181 4.06 11.15 -1.35
C ARG A 181 5.02 11.81 -2.33
N ALA A 182 6.30 11.87 -1.98
CA ALA A 182 7.29 12.56 -2.81
C ALA A 182 7.41 11.92 -4.16
N LEU A 183 7.22 10.60 -4.21
CA LEU A 183 7.22 9.87 -5.46
C LEU A 183 6.02 10.25 -6.34
N GLY A 184 4.98 10.80 -5.74
CA GLY A 184 3.88 11.31 -6.53
C GLY A 184 4.14 12.65 -7.25
N VAL A 185 5.16 13.40 -6.80
CA VAL A 185 5.40 14.77 -7.28
C VAL A 185 5.82 14.69 -8.72
N GLY A 186 5.06 15.35 -9.58
CA GLY A 186 5.27 15.28 -11.03
C GLY A 186 4.64 14.09 -11.76
N LEU A 187 3.94 13.22 -11.02
CA LEU A 187 3.40 11.99 -11.56
C LEU A 187 1.91 12.00 -11.45
N VAL A 188 1.43 12.22 -10.23
CA VAL A 188 0.02 12.28 -9.94
C VAL A 188 -0.29 13.71 -9.50
N PRO A 189 -1.51 14.14 -9.80
CA PRO A 189 -1.97 15.55 -9.78
C PRO A 189 -1.85 16.49 -8.56
N ARG A 190 -2.11 15.99 -7.36
CA ARG A 190 -2.27 16.86 -6.20
C ARG A 190 -1.63 16.22 -4.99
N VAL A 191 -0.31 16.31 -4.89
CA VAL A 191 0.40 15.86 -3.70
C VAL A 191 0.11 16.86 -2.55
N ASP A 192 -0.49 16.39 -1.46
CA ASP A 192 -1.07 17.29 -0.42
C ASP A 192 -0.09 17.65 0.73
N GLU A 193 1.07 18.19 0.37
CA GLU A 193 2.10 18.56 1.34
C GLU A 193 3.17 19.43 0.68
N GLU A 194 3.75 20.32 1.49
CA GLU A 194 4.93 21.13 1.14
C GLU A 194 6.19 20.34 0.79
N THR A 195 6.76 20.67 -0.37
CA THR A 195 8.00 20.08 -0.86
C THR A 195 9.13 20.08 0.15
N LYS A 196 9.29 21.18 0.87
CA LYS A 196 10.46 21.35 1.72
C LYS A 196 10.41 20.39 2.90
N THR A 197 9.21 20.17 3.41
CA THR A 197 8.98 19.24 4.47
C THR A 197 9.22 17.83 3.93
N LEU A 198 8.62 17.52 2.78
CA LEU A 198 8.80 16.21 2.17
C LEU A 198 10.28 15.92 2.02
N VAL A 199 10.97 16.89 1.42
CA VAL A 199 12.34 16.70 1.04
C VAL A 199 13.23 16.45 2.27
N ALA A 200 12.97 17.17 3.36
CA ALA A 200 13.73 17.00 4.60
C ALA A 200 13.54 15.60 5.19
N SER A 201 12.31 15.12 5.26
CA SER A 201 12.05 13.77 5.76
C SER A 201 12.71 12.72 4.86
N VAL A 202 12.66 12.93 3.54
CA VAL A 202 13.26 12.01 2.61
C VAL A 202 14.79 11.95 2.81
N THR A 203 15.41 13.12 2.93
CA THR A 203 16.85 13.27 3.15
C THR A 203 17.36 12.62 4.44
N GLU A 204 16.72 12.98 5.53
CA GLU A 204 17.02 12.44 6.82
C GLU A 204 16.86 10.90 6.83
N GLY A 205 15.73 10.43 6.29
CA GLY A 205 15.49 9.01 6.18
C GLY A 205 16.56 8.27 5.40
N LEU A 206 16.94 8.78 4.23
CA LEU A 206 18.00 8.15 3.45
C LEU A 206 19.36 8.10 4.18
N ALA A 207 19.59 9.13 4.98
CA ALA A 207 20.77 9.22 5.86
C ALA A 207 20.73 8.13 6.94
N LEU A 208 19.61 8.04 7.63
CA LEU A 208 19.39 7.02 8.63
C LEU A 208 19.61 5.64 8.01
N LEU A 209 19.04 5.44 6.83
CA LEU A 209 19.19 4.17 6.14
C LEU A 209 20.64 3.83 5.85
N HIS A 210 21.42 4.81 5.36
CA HIS A 210 22.86 4.59 5.08
C HIS A 210 23.56 4.10 6.35
N GLY A 211 23.25 4.71 7.49
CA GLY A 211 23.79 4.29 8.78
C GLY A 211 23.37 2.90 9.21
N VAL A 212 22.12 2.52 8.93
CA VAL A 212 21.63 1.18 9.29
C VAL A 212 22.39 0.18 8.49
N LEU A 213 22.52 0.41 7.20
CA LEU A 213 23.21 -0.49 6.31
C LEU A 213 24.72 -0.63 6.61
N ASP A 214 25.39 0.49 6.91
CA ASP A 214 26.82 0.43 7.21
C ASP A 214 27.03 -0.31 8.54
N GLU A 215 26.13 -0.14 9.50
CA GLU A 215 26.26 -0.89 10.73
C GLU A 215 26.11 -2.39 10.48
N ARG A 216 25.25 -2.77 9.51
CA ARG A 216 24.96 -4.18 9.32
C ARG A 216 26.12 -4.82 8.59
N ARG A 217 26.80 -4.05 7.78
CA ARG A 217 27.97 -4.58 7.06
C ARG A 217 29.10 -4.84 8.07
N ARG A 218 29.14 -4.00 9.11
CA ARG A 218 30.11 -4.08 10.22
C ARG A 218 29.80 -5.27 11.12
N ASN A 219 28.51 -5.40 11.48
CA ASN A 219 27.97 -6.45 12.31
C ASN A 219 26.89 -7.31 11.63
N PRO A 220 27.30 -8.12 10.67
CA PRO A 220 26.37 -8.99 9.94
C PRO A 220 25.79 -10.04 10.85
N LEU A 221 24.57 -10.46 10.52
CA LEU A 221 23.73 -11.28 11.38
C LEU A 221 23.24 -12.55 10.67
N GLU A 222 22.95 -13.58 11.44
CA GLU A 222 22.50 -14.83 10.84
C GLU A 222 21.01 -14.71 10.58
N ASN A 223 20.57 -15.31 9.47
CA ASN A 223 19.14 -15.42 9.14
C ASN A 223 18.50 -14.04 9.06
N ASP A 224 19.09 -13.16 8.27
CA ASP A 224 18.77 -11.74 8.33
C ASP A 224 18.67 -11.18 6.94
N VAL A 225 17.58 -10.45 6.67
CA VAL A 225 17.31 -10.01 5.30
C VAL A 225 18.40 -9.08 4.81
N LEU A 226 18.70 -8.09 5.63
CA LEU A 226 19.66 -7.06 5.23
C LEU A 226 21.01 -7.69 5.01
N THR A 227 21.45 -8.56 5.92
CA THR A 227 22.76 -9.20 5.70
C THR A 227 22.76 -10.04 4.41
N MET A 228 21.67 -10.73 4.15
CA MET A 228 21.56 -11.53 2.91
C MET A 228 21.68 -10.62 1.68
N LEU A 229 21.02 -9.47 1.71
CA LEU A 229 21.08 -8.52 0.62
C LEU A 229 22.51 -7.97 0.49
N LEU A 230 23.14 -7.67 1.63
CA LEU A 230 24.50 -7.15 1.57
C LEU A 230 25.46 -8.20 1.03
N GLN A 231 25.30 -9.44 1.43
CA GLN A 231 26.19 -10.49 0.98
C GLN A 231 26.01 -10.77 -0.50
N ALA A 232 24.84 -10.52 -1.03
CA ALA A 232 24.59 -10.72 -2.46
C ALA A 232 25.24 -9.60 -3.27
N GLU A 233 25.22 -8.40 -2.69
CA GLU A 233 25.76 -7.22 -3.31
C GLU A 233 27.29 -7.31 -3.43
N ALA A 234 27.92 -7.89 -2.41
CA ALA A 234 29.37 -7.99 -2.29
C ALA A 234 29.93 -9.02 -3.26
N ASP A 235 29.20 -10.12 -3.45
CA ASP A 235 29.65 -11.19 -4.33
C ASP A 235 29.38 -10.79 -5.78
N GLY A 236 29.76 -11.66 -6.71
CA GLY A 236 29.54 -11.43 -8.13
C GLY A 236 28.13 -10.93 -8.44
N SER A 237 28.03 -10.13 -9.51
CA SER A 237 26.82 -9.35 -9.86
C SER A 237 25.47 -10.01 -9.58
N ARG A 238 24.88 -9.65 -8.46
CA ARG A 238 23.55 -10.14 -8.09
C ARG A 238 22.62 -9.01 -7.58
N LEU A 239 23.22 -7.87 -7.25
CA LEU A 239 22.53 -6.76 -6.62
C LEU A 239 23.54 -5.62 -6.43
N SER A 240 23.28 -4.47 -7.04
CA SER A 240 24.15 -3.32 -6.91
C SER A 240 23.83 -2.56 -5.64
N THR A 241 24.74 -1.69 -5.23
CA THR A 241 24.51 -0.92 -4.02
C THR A 241 23.27 -0.05 -4.20
N LYS A 242 23.07 0.49 -5.40
CA LYS A 242 21.96 1.39 -5.59
C LYS A 242 20.65 0.61 -5.59
N GLU A 243 20.68 -0.61 -6.10
CA GLU A 243 19.49 -1.46 -6.17
C GLU A 243 19.06 -1.84 -4.77
N LEU A 244 20.07 -2.12 -3.96
CA LEU A 244 19.89 -2.54 -2.59
C LEU A 244 19.27 -1.42 -1.75
N VAL A 245 19.89 -0.24 -1.82
CA VAL A 245 19.39 0.92 -1.09
C VAL A 245 17.95 1.28 -1.54
N ALA A 246 17.74 1.32 -2.85
CA ALA A 246 16.43 1.60 -3.39
C ALA A 246 15.41 0.57 -2.91
N LEU A 247 15.85 -0.68 -2.77
CA LEU A 247 14.94 -1.77 -2.39
C LEU A 247 14.50 -1.61 -0.96
N VAL A 248 15.44 -1.31 -0.08
CA VAL A 248 15.08 -1.14 1.30
C VAL A 248 14.26 0.10 1.49
N GLY A 249 14.61 1.16 0.76
CA GLY A 249 13.82 2.37 0.87
C GLY A 249 12.39 2.17 0.41
N ALA A 250 12.19 1.36 -0.62
CA ALA A 250 10.86 1.14 -1.19
C ALA A 250 10.00 0.28 -0.29
N ILE A 251 10.64 -0.70 0.34
CA ILE A 251 9.97 -1.57 1.28
C ILE A 251 9.45 -0.71 2.42
N ILE A 252 10.25 0.23 2.90
CA ILE A 252 9.81 1.06 4.00
C ILE A 252 8.65 1.95 3.56
N ALA A 253 8.80 2.60 2.41
CA ALA A 253 7.76 3.50 1.92
C ALA A 253 6.47 2.74 1.50
N ALA A 254 6.62 1.64 0.78
CA ALA A 254 5.46 0.86 0.36
C ALA A 254 4.69 0.27 1.55
N GLY A 255 5.38 -0.07 2.63
CA GLY A 255 4.77 -0.85 3.69
C GLY A 255 4.26 -0.11 4.90
N THR A 256 4.50 1.19 4.92
CA THR A 256 4.09 2.03 6.02
C THR A 256 2.61 2.40 5.93
N ASP A 257 2.28 3.37 5.07
CA ASP A 257 0.92 3.89 5.05
C ASP A 257 -0.13 2.86 4.64
N THR A 258 0.18 2.02 3.66
CA THR A 258 -0.76 1.00 3.17
C THR A 258 -1.32 0.19 4.32
N THR A 259 -0.46 -0.31 5.18
CA THR A 259 -0.89 -1.16 6.25
C THR A 259 -1.64 -0.39 7.31
N ILE A 260 -1.29 0.89 7.49
CA ILE A 260 -2.02 1.70 8.43
C ILE A 260 -3.46 1.73 7.99
N TYR A 261 -3.67 1.92 6.67
CA TYR A 261 -5.01 2.08 6.15
C TYR A 261 -5.76 0.75 6.17
N LEU A 262 -5.10 -0.37 5.89
CA LEU A 262 -5.73 -1.69 5.99
C LEU A 262 -6.31 -1.93 7.37
N ILE A 263 -5.45 -1.79 8.38
CA ILE A 263 -5.87 -1.99 9.76
C ILE A 263 -7.06 -1.10 10.10
N ALA A 264 -6.98 0.17 9.72
CA ALA A 264 -8.06 1.10 10.04
C ALA A 264 -9.36 0.82 9.27
N PHE A 265 -9.24 0.53 7.97
CA PHE A 265 -10.39 0.19 7.16
C PHE A 265 -11.02 -1.13 7.65
N ALA A 266 -10.20 -2.03 8.21
CA ALA A 266 -10.72 -3.30 8.73
C ALA A 266 -11.59 -3.05 9.91
N VAL A 267 -11.08 -2.30 10.88
CA VAL A 267 -11.85 -1.96 12.06
C VAL A 267 -13.12 -1.23 11.69
N LEU A 268 -13.00 -0.24 10.82
CA LEU A 268 -14.13 0.54 10.36
C LEU A 268 -15.22 -0.36 9.81
N ASN A 269 -14.81 -1.25 8.89
CA ASN A 269 -15.74 -2.09 8.16
C ASN A 269 -16.39 -3.17 9.02
N LEU A 270 -15.69 -3.61 10.06
CA LEU A 270 -16.28 -4.55 11.01
C LEU A 270 -17.24 -3.84 11.97
N LEU A 271 -16.94 -2.58 12.32
CA LEU A 271 -17.85 -1.79 13.15
C LEU A 271 -19.12 -1.46 12.37
N ARG A 272 -18.98 -1.28 11.06
CA ARG A 272 -20.11 -0.96 10.18
C ARG A 272 -20.97 -2.17 9.86
N SER A 273 -20.40 -3.36 9.93
CA SER A 273 -21.17 -4.57 9.64
C SER A 273 -21.19 -5.51 10.85
N PRO A 274 -22.12 -5.30 11.77
CA PRO A 274 -22.17 -6.15 12.97
C PRO A 274 -22.29 -7.64 12.63
N GLU A 275 -22.98 -7.98 11.55
CA GLU A 275 -23.06 -9.37 11.13
C GLU A 275 -21.67 -9.93 10.84
N ALA A 276 -20.87 -9.19 10.09
CA ALA A 276 -19.54 -9.67 9.71
C ALA A 276 -18.70 -9.91 10.96
N LEU A 277 -18.79 -8.96 11.87
CA LEU A 277 -18.02 -9.00 13.10
C LEU A 277 -18.41 -10.20 13.95
N GLU A 278 -19.70 -10.50 14.01
CA GLU A 278 -20.19 -11.60 14.84
C GLU A 278 -19.72 -12.90 14.24
N LEU A 279 -19.61 -12.93 12.92
CA LEU A 279 -19.10 -14.10 12.22
C LEU A 279 -17.62 -14.33 12.53
N VAL A 280 -16.86 -13.26 12.63
CA VAL A 280 -15.44 -13.40 12.82
C VAL A 280 -15.18 -13.67 14.29
N LYS A 281 -16.14 -13.28 15.12
CA LYS A 281 -16.06 -13.58 16.53
C LYS A 281 -16.27 -15.07 16.72
N ALA A 282 -17.20 -15.62 15.94
CA ALA A 282 -17.62 -17.01 16.08
C ALA A 282 -16.59 -17.97 15.49
N GLU A 283 -15.96 -17.55 14.39
CA GLU A 283 -14.94 -18.35 13.73
C GLU A 283 -13.71 -17.47 13.47
N PRO A 284 -12.87 -17.33 14.49
CA PRO A 284 -11.69 -16.45 14.36
C PRO A 284 -10.84 -16.79 13.13
N GLY A 285 -10.92 -18.02 12.66
CA GLY A 285 -10.24 -18.41 11.44
C GLY A 285 -10.66 -17.64 10.21
N LEU A 286 -11.82 -16.98 10.27
CA LEU A 286 -12.30 -16.18 9.13
C LEU A 286 -11.61 -14.79 9.05
N MET A 287 -10.79 -14.46 10.03
CA MET A 287 -10.24 -13.12 10.12
C MET A 287 -9.42 -12.88 8.87
N ARG A 288 -8.67 -13.86 8.41
CA ARG A 288 -7.81 -13.64 7.27
C ARG A 288 -8.62 -13.33 6.01
N ASN A 289 -9.75 -14.01 5.85
CA ASN A 289 -10.59 -13.82 4.66
C ASN A 289 -11.25 -12.48 4.70
N ALA A 290 -11.66 -12.10 5.89
CA ALA A 290 -12.32 -10.83 6.13
C ALA A 290 -11.41 -9.64 5.80
N LEU A 291 -10.14 -9.79 6.12
CA LEU A 291 -9.19 -8.74 5.87
C LEU A 291 -8.97 -8.64 4.39
N ASP A 292 -9.04 -9.78 3.70
CA ASP A 292 -8.91 -9.72 2.24
C ASP A 292 -10.16 -9.08 1.60
N GLU A 293 -11.31 -9.38 2.15
CA GLU A 293 -12.55 -8.79 1.69
C GLU A 293 -12.64 -7.27 2.00
N VAL A 294 -11.90 -6.80 2.99
CA VAL A 294 -11.88 -5.39 3.31
C VAL A 294 -11.28 -4.66 2.12
N LEU A 295 -10.22 -5.20 1.59
CA LEU A 295 -9.50 -4.59 0.48
C LEU A 295 -10.27 -4.76 -0.85
N ARG A 296 -11.04 -5.82 -0.91
CA ARG A 296 -11.88 -6.11 -2.06
C ARG A 296 -13.10 -5.19 -2.10
N PHE A 297 -13.79 -5.09 -0.97
CA PHE A 297 -15.03 -4.38 -0.89
C PHE A 297 -14.74 -2.90 -0.83
N GLU A 298 -13.65 -2.54 -0.19
CA GLU A 298 -13.35 -1.15 -0.16
C GLU A 298 -11.92 -0.74 -0.09
N ASN A 299 -11.37 -0.79 -1.26
CA ASN A 299 -9.98 -0.71 -1.42
C ASN A 299 -9.46 0.65 -1.00
N ILE A 300 -8.27 0.63 -0.38
CA ILE A 300 -7.66 1.83 0.15
C ILE A 300 -7.15 2.78 -0.91
N LEU A 301 -7.06 2.34 -2.16
CA LEU A 301 -6.51 3.19 -3.19
C LEU A 301 -7.55 4.21 -3.67
N ARG A 302 -7.11 5.46 -3.88
CA ARG A 302 -7.93 6.55 -4.40
C ARG A 302 -8.27 6.33 -5.88
N ILE A 303 -7.26 6.00 -6.65
CA ILE A 303 -7.39 5.77 -8.08
C ILE A 303 -6.91 4.34 -8.43
N GLY A 304 -5.62 4.06 -8.24
CA GLY A 304 -5.13 2.72 -8.48
C GLY A 304 -3.66 2.75 -8.70
N THR A 305 -3.19 2.05 -9.72
CA THR A 305 -1.78 2.04 -10.02
C THR A 305 -1.63 2.37 -11.48
N VAL A 306 -0.41 2.54 -11.95
CA VAL A 306 -0.16 3.06 -13.28
C VAL A 306 0.69 2.12 -14.13
N ARG A 307 0.46 2.22 -15.43
CA ARG A 307 1.30 1.61 -16.43
C ARG A 307 1.48 2.63 -17.55
N PHE A 308 2.44 2.36 -18.42
CA PHE A 308 2.79 3.24 -19.53
C PHE A 308 2.88 2.47 -20.84
N ALA A 309 2.09 2.85 -21.85
CA ALA A 309 2.12 2.19 -23.17
C ALA A 309 3.51 2.21 -23.79
N ARG A 310 4.10 1.05 -24.04
CA ARG A 310 5.39 0.96 -24.72
C ARG A 310 5.33 1.28 -26.24
N GLN A 311 4.12 1.32 -26.79
CA GLN A 311 3.89 1.49 -28.23
C GLN A 311 2.44 1.91 -28.49
N ASP A 312 2.20 2.64 -29.58
CA ASP A 312 0.84 2.93 -29.99
C ASP A 312 0.02 1.64 -29.97
N LEU A 313 -1.26 1.72 -29.62
CA LEU A 313 -2.15 0.55 -29.69
C LEU A 313 -3.59 0.91 -29.42
N GLU A 314 -4.49 0.00 -29.80
CA GLU A 314 -5.93 0.15 -29.57
C GLU A 314 -6.33 -0.65 -28.33
N TYR A 315 -7.18 -0.07 -27.47
CA TYR A 315 -7.61 -0.74 -26.23
C TYR A 315 -8.98 -0.27 -25.76
N CYS A 316 -9.95 -1.18 -25.75
CA CYS A 316 -11.32 -0.88 -25.35
C CYS A 316 -11.92 0.31 -26.12
N GLY A 317 -11.48 0.50 -27.36
CA GLY A 317 -12.02 1.53 -28.23
C GLY A 317 -11.26 2.85 -28.21
N ALA A 318 -10.01 2.81 -27.75
CA ALA A 318 -9.22 4.02 -27.64
C ALA A 318 -7.87 3.86 -28.31
N SER A 319 -7.37 4.95 -28.89
CA SER A 319 -6.06 4.95 -29.52
C SER A 319 -5.03 5.52 -28.57
N ILE A 320 -4.39 4.60 -27.86
CA ILE A 320 -3.39 4.94 -26.90
C ILE A 320 -2.05 5.07 -27.59
N LYS A 321 -1.36 6.17 -27.33
CA LYS A 321 -0.06 6.38 -27.92
C LYS A 321 1.04 5.89 -26.99
N LYS A 322 2.18 5.59 -27.58
CA LYS A 322 3.40 5.30 -26.87
C LYS A 322 3.76 6.37 -25.83
N GLY A 323 4.11 5.93 -24.62
CA GLY A 323 4.48 6.84 -23.56
C GLY A 323 3.32 7.39 -22.75
N GLU A 324 2.08 7.07 -23.15
CA GLU A 324 0.89 7.53 -22.45
C GLU A 324 0.64 6.68 -21.20
N MET A 325 0.22 7.33 -20.14
CA MET A 325 0.07 6.70 -18.83
C MET A 325 -1.32 6.08 -18.81
N VAL A 326 -1.45 4.97 -18.09
CA VAL A 326 -2.72 4.35 -17.88
C VAL A 326 -2.90 4.05 -16.40
N PHE A 327 -4.03 4.46 -15.83
CA PHE A 327 -4.38 4.14 -14.47
C PHE A 327 -5.33 2.96 -14.48
N LEU A 328 -5.08 2.02 -13.57
CA LEU A 328 -5.99 0.91 -13.32
C LEU A 328 -6.81 1.27 -12.12
N LEU A 329 -8.10 1.50 -12.32
CA LEU A 329 -9.02 1.92 -11.29
C LEU A 329 -9.44 0.79 -10.34
N ILE A 330 -8.52 0.44 -9.44
CA ILE A 330 -8.70 -0.73 -8.63
C ILE A 330 -9.96 -0.78 -7.83
N PRO A 331 -10.33 0.26 -7.11
CA PRO A 331 -11.53 0.16 -6.28
C PRO A 331 -12.79 -0.06 -7.13
N SER A 332 -12.70 0.28 -8.40
CA SER A 332 -13.80 0.10 -9.34
C SER A 332 -13.83 -1.32 -9.88
N ALA A 333 -12.69 -1.76 -10.41
CA ALA A 333 -12.53 -3.10 -10.88
C ALA A 333 -13.00 -4.09 -9.84
N LEU A 334 -12.81 -3.78 -8.56
CA LEU A 334 -13.12 -4.71 -7.49
C LEU A 334 -14.56 -4.63 -7.04
N ARG A 335 -15.36 -3.75 -7.63
CA ARG A 335 -16.81 -3.79 -7.45
C ARG A 335 -17.52 -4.26 -8.74
N ASP A 336 -16.76 -4.86 -9.63
CA ASP A 336 -17.23 -5.25 -10.93
C ASP A 336 -18.11 -6.50 -10.76
N GLY A 337 -19.42 -6.29 -10.97
CA GLY A 337 -20.45 -7.28 -10.73
C GLY A 337 -20.43 -8.53 -11.61
N THR A 338 -19.75 -8.45 -12.74
CA THR A 338 -19.52 -9.64 -13.55
C THR A 338 -18.37 -10.53 -13.05
N VAL A 339 -17.78 -10.21 -11.91
CA VAL A 339 -16.70 -11.03 -11.35
C VAL A 339 -16.98 -11.36 -9.91
N PHE A 340 -17.53 -10.40 -9.18
CA PHE A 340 -17.92 -10.62 -7.81
C PHE A 340 -19.44 -10.57 -7.75
N SER A 341 -20.06 -11.59 -7.14
CA SER A 341 -21.49 -11.62 -6.91
C SER A 341 -21.82 -10.70 -5.77
N ARG A 342 -22.91 -9.95 -5.89
CA ARG A 342 -23.31 -8.99 -4.88
C ARG A 342 -22.11 -8.11 -4.55
N PRO A 343 -21.59 -7.45 -5.57
CA PRO A 343 -20.31 -6.72 -5.43
C PRO A 343 -20.35 -5.66 -4.34
N ASP A 344 -21.52 -5.15 -4.01
CA ASP A 344 -21.65 -3.99 -3.12
C ASP A 344 -22.00 -4.37 -1.69
N VAL A 345 -21.80 -5.64 -1.35
CA VAL A 345 -21.99 -6.14 0.01
C VAL A 345 -20.64 -6.59 0.59
N PHE A 346 -20.40 -6.25 1.85
CA PHE A 346 -19.21 -6.70 2.58
C PHE A 346 -19.51 -8.11 3.14
N ASP A 347 -18.94 -9.12 2.48
CA ASP A 347 -19.20 -10.53 2.76
C ASP A 347 -17.93 -11.28 3.08
N VAL A 348 -17.65 -11.44 4.37
CA VAL A 348 -16.41 -12.04 4.83
C VAL A 348 -16.32 -13.57 4.58
N ARG A 349 -17.38 -14.17 4.04
CA ARG A 349 -17.33 -15.58 3.62
C ARG A 349 -17.04 -15.79 2.14
N ARG A 350 -17.10 -14.72 1.34
CA ARG A 350 -16.98 -14.87 -0.09
C ARG A 350 -15.62 -15.37 -0.44
N ASP A 351 -15.51 -15.86 -1.67
CA ASP A 351 -14.26 -16.19 -2.26
C ASP A 351 -13.56 -14.91 -2.80
N THR A 352 -12.40 -14.61 -2.22
CA THR A 352 -11.74 -13.35 -2.48
C THR A 352 -10.58 -13.56 -3.38
N SER A 353 -10.42 -14.78 -3.91
CA SER A 353 -9.26 -15.10 -4.72
C SER A 353 -9.08 -14.15 -5.88
N ALA A 354 -10.16 -13.60 -6.39
CA ALA A 354 -10.04 -12.79 -7.59
C ALA A 354 -9.65 -11.33 -7.26
N SER A 355 -9.62 -10.96 -5.97
CA SER A 355 -9.16 -9.63 -5.56
C SER A 355 -7.83 -9.29 -6.18
N LEU A 356 -7.72 -8.12 -6.78
CA LEU A 356 -6.47 -7.62 -7.36
C LEU A 356 -5.73 -6.66 -6.43
N ALA A 357 -6.12 -6.64 -5.17
CA ALA A 357 -5.67 -5.60 -4.25
C ALA A 357 -4.18 -5.63 -4.03
N TYR A 358 -3.54 -6.79 -4.18
CA TYR A 358 -2.10 -6.92 -4.02
C TYR A 358 -1.38 -7.05 -5.33
N GLY A 359 -2.06 -6.74 -6.41
CA GLY A 359 -1.42 -6.82 -7.71
C GLY A 359 -1.50 -8.19 -8.40
N ARG A 360 -0.89 -8.25 -9.56
CA ARG A 360 -0.73 -9.48 -10.34
C ARG A 360 0.50 -9.36 -11.19
N GLY A 361 1.17 -10.47 -11.45
CA GLY A 361 2.28 -10.48 -12.38
C GLY A 361 3.60 -10.34 -11.63
N PRO A 362 4.66 -10.02 -12.34
CA PRO A 362 5.96 -9.81 -11.73
C PRO A 362 6.00 -8.75 -10.59
N HIS A 363 5.06 -7.80 -10.55
CA HIS A 363 5.17 -6.71 -9.58
C HIS A 363 4.22 -6.92 -8.41
N VAL A 364 3.71 -8.14 -8.34
CA VAL A 364 2.82 -8.54 -7.26
C VAL A 364 3.50 -8.20 -5.94
N CYS A 365 2.72 -7.66 -5.03
CA CYS A 365 3.22 -7.14 -3.79
C CYS A 365 4.00 -8.18 -3.01
N PRO A 366 5.26 -7.89 -2.70
CA PRO A 366 6.04 -8.79 -1.86
C PRO A 366 5.60 -8.75 -0.43
N GLY A 367 4.99 -7.66 0.03
CA GLY A 367 4.63 -7.57 1.41
C GLY A 367 3.28 -8.11 1.84
N VAL A 368 2.61 -8.85 0.96
CA VAL A 368 1.26 -9.34 1.27
C VAL A 368 1.22 -10.19 2.54
N SER A 369 2.12 -11.12 2.72
CA SER A 369 2.07 -11.93 3.93
C SER A 369 2.36 -11.10 5.18
N LEU A 370 3.22 -10.10 5.09
CA LEU A 370 3.49 -9.22 6.22
C LEU A 370 2.27 -8.35 6.54
N ALA A 371 1.63 -7.80 5.52
CA ALA A 371 0.46 -6.96 5.75
C ALA A 371 -0.64 -7.77 6.41
N ARG A 372 -0.87 -8.99 5.94
CA ARG A 372 -1.92 -9.86 6.50
C ARG A 372 -1.63 -10.25 7.93
N LEU A 373 -0.38 -10.58 8.23
CA LEU A 373 -0.03 -10.93 9.62
C LEU A 373 -0.20 -9.76 10.58
N GLU A 374 0.31 -8.58 10.21
CA GLU A 374 0.14 -7.40 11.05
C GLU A 374 -1.32 -7.11 11.31
N ALA A 375 -2.13 -7.16 10.25
CA ALA A 375 -3.55 -6.79 10.39
C ALA A 375 -4.35 -7.86 11.18
N GLU A 376 -4.10 -9.13 10.92
CA GLU A 376 -4.70 -10.21 11.72
C GLU A 376 -4.40 -10.00 13.22
N ILE A 377 -3.16 -9.77 13.54
CA ILE A 377 -2.82 -9.52 14.94
C ILE A 377 -3.46 -8.25 15.46
N ALA A 378 -3.41 -7.17 14.70
CA ALA A 378 -3.90 -5.89 15.22
C ALA A 378 -5.39 -5.85 15.30
N VAL A 379 -6.04 -6.33 14.26
CA VAL A 379 -7.49 -6.28 14.22
C VAL A 379 -8.03 -7.40 15.11
N GLY A 380 -7.45 -8.59 15.03
CA GLY A 380 -7.82 -9.68 15.94
C GLY A 380 -7.74 -9.28 17.42
N THR A 381 -6.58 -8.82 17.84
CA THR A 381 -6.40 -8.41 19.23
C THR A 381 -7.42 -7.39 19.69
N ILE A 382 -7.68 -6.35 18.89
CA ILE A 382 -8.48 -5.25 19.39
C ILE A 382 -9.92 -5.68 19.60
N PHE A 383 -10.42 -6.51 18.71
CA PHE A 383 -11.79 -7.00 18.84
C PHE A 383 -11.93 -8.12 19.91
N ARG A 384 -10.87 -8.85 20.19
CA ARG A 384 -10.92 -9.88 21.23
C ARG A 384 -10.87 -9.26 22.63
N ARG A 385 -10.07 -8.21 22.79
CA ARG A 385 -9.89 -7.57 24.10
C ARG A 385 -10.93 -6.45 24.35
N PHE A 386 -11.60 -5.98 23.28
CA PHE A 386 -12.67 -4.98 23.40
C PHE A 386 -13.84 -5.31 22.43
N PRO A 387 -14.52 -6.41 22.70
CA PRO A 387 -15.60 -6.92 21.82
C PRO A 387 -16.80 -5.99 21.60
N GLU A 388 -17.08 -5.10 22.54
CA GLU A 388 -18.22 -4.19 22.39
C GLU A 388 -17.83 -2.78 21.88
N MET A 389 -16.64 -2.65 21.32
CA MET A 389 -16.17 -1.38 20.73
C MET A 389 -17.24 -0.78 19.83
N LYS A 390 -17.39 0.54 19.88
CA LYS A 390 -18.37 1.22 19.06
C LYS A 390 -17.79 2.49 18.48
N LEU A 391 -18.15 2.79 17.23
CA LEU A 391 -17.75 4.02 16.56
C LEU A 391 -18.32 5.25 17.28
N LYS A 392 -17.47 6.17 17.70
CA LYS A 392 -17.92 7.38 18.37
C LYS A 392 -18.30 8.50 17.40
N GLU A 393 -17.76 8.44 16.20
CA GLU A 393 -18.06 9.47 15.19
C GLU A 393 -17.58 9.08 13.81
N THR A 394 -18.11 9.80 12.82
CA THR A 394 -17.76 9.63 11.41
C THR A 394 -16.25 9.76 11.20
N PRO A 395 -15.67 8.81 10.48
CA PRO A 395 -14.25 8.87 10.12
C PRO A 395 -13.91 10.13 9.35
N VAL A 396 -12.74 10.73 9.62
CA VAL A 396 -12.27 11.88 8.85
C VAL A 396 -11.31 11.40 7.76
N PHE A 397 -11.59 11.73 6.51
CA PHE A 397 -10.73 11.34 5.42
C PHE A 397 -9.94 12.55 4.87
N GLY A 398 -8.83 12.30 4.17
CA GLY A 398 -7.99 13.37 3.64
C GLY A 398 -7.82 13.37 2.14
N TYR A 399 -6.67 13.87 1.70
CA TYR A 399 -6.41 14.09 0.28
C TYR A 399 -5.09 13.50 -0.20
N HIS A 400 -4.61 12.45 0.47
CA HIS A 400 -3.45 11.72 -0.01
C HIS A 400 -3.61 11.42 -1.50
N PRO A 401 -2.57 11.66 -2.28
CA PRO A 401 -2.75 11.47 -3.72
C PRO A 401 -2.94 10.01 -4.12
N ALA A 402 -2.46 9.06 -3.32
CA ALA A 402 -2.62 7.61 -3.68
C ALA A 402 -3.72 6.89 -2.94
N PHE A 403 -4.00 7.33 -1.71
CA PHE A 403 -4.85 6.61 -0.78
C PHE A 403 -6.10 7.38 -0.36
N ARG A 404 -7.17 6.64 -0.11
CA ARG A 404 -8.32 7.18 0.61
C ARG A 404 -7.96 7.18 2.09
N ASN A 405 -7.16 8.16 2.48
CA ASN A 405 -6.51 8.10 3.77
C ASN A 405 -7.43 8.45 4.92
N ILE A 406 -7.53 7.61 5.94
CA ILE A 406 -8.32 7.94 7.13
C ILE A 406 -7.38 8.63 8.09
N GLU A 407 -7.73 9.85 8.48
CA GLU A 407 -6.88 10.63 9.39
C GLU A 407 -7.18 10.33 10.85
N SER A 408 -8.45 10.04 11.13
CA SER A 408 -8.88 9.64 12.45
C SER A 408 -10.09 8.70 12.43
N LEU A 409 -10.14 7.80 13.40
CA LEU A 409 -11.22 6.85 13.51
C LEU A 409 -11.44 6.70 15.01
N ASN A 410 -12.28 7.57 15.53
CA ASN A 410 -12.51 7.63 16.96
C ASN A 410 -13.58 6.65 17.41
N VAL A 411 -13.25 5.84 18.42
CA VAL A 411 -14.16 4.83 18.96
C VAL A 411 -14.19 4.86 20.51
N ILE A 412 -15.10 4.06 21.06
CA ILE A 412 -15.24 3.87 22.48
C ILE A 412 -15.04 2.38 22.72
N LEU A 413 -13.99 2.02 23.45
CA LEU A 413 -13.65 0.60 23.58
C LEU A 413 -14.68 -0.09 24.48
N LYS A 414 -14.79 0.35 25.74
CA LYS A 414 -15.78 -0.21 26.70
C LYS A 414 -16.92 0.79 26.97
N PRO A 415 -17.96 0.80 26.14
CA PRO A 415 -19.01 1.83 26.25
C PRO A 415 -19.95 1.60 27.44
N SER A 416 -20.23 2.68 28.17
CA SER A 416 -20.96 2.61 29.44
C SER A 416 -22.29 1.87 29.30
#